data_5DNJ
#
_entry.id   5DNJ
#
_cell.length_a   57.149
_cell.length_b   59.989
_cell.length_c   67.040
_cell.angle_alpha   90.00
_cell.angle_beta   90.00
_cell.angle_gamma   90.00
#
_symmetry.space_group_name_H-M   'P 21 21 21'
#
loop_
_entity.id
_entity.type
_entity.pdbx_description
1 polymer 'Serine/threonine-protein kinase PLK1'
2 polymer 'peptide 707-56A-SER-TPO-NH2'
3 water water
#
loop_
_entity_poly.entity_id
_entity_poly.type
_entity_poly.pdbx_seq_one_letter_code
_entity_poly.pdbx_strand_id
1 'polypeptide(L)'
;NEAIECHLSDLLQQLTSVNASKPSERGLVRQEEAEDPACIPIFWVSKWVDYSDKYGLGYQLCDNSVGVLFNDSTRLILYN
DGDSLQYIERDGTESYLTVSSHPNSLMKKITLLNYFRNYMSEHLLKAGANITPREGDELARLPYLRTWFRTRSAIILHLS
NGTVQINFFQDHTKLILCPLMAAVTYINEKRDFQTYRLSLLEEYGCCKELASRLRYARTMVDKLLSSRSASNRLKAS
;
A
2 'polypeptide(L)' (707)(56A)S(TPO)(NH2) B
#
loop_
_chem_comp.id
_chem_comp.type
_chem_comp.name
_chem_comp.formula
707 non-polymer N-(3-bromo-4-methoxybenzoyl)-beta-alanine 'C11 H12 Br N O4'
NH2 non-polymer 'AMINO GROUP' 'H2 N'
#
# COMPACT_ATOMS: atom_id res chain seq x y z
N HIS A 7 -2.74 -12.56 -7.74
CA HIS A 7 -3.31 -12.02 -6.46
C HIS A 7 -4.33 -10.92 -6.71
N LEU A 8 -4.09 -10.07 -7.72
CA LEU A 8 -5.06 -9.04 -8.13
C LEU A 8 -6.42 -9.61 -8.57
N SER A 9 -6.42 -10.75 -9.25
CA SER A 9 -7.67 -11.37 -9.74
C SER A 9 -8.48 -11.81 -8.57
N ASP A 10 -7.78 -12.35 -7.58
CA ASP A 10 -8.43 -12.78 -6.38
C ASP A 10 -9.05 -11.61 -5.64
N LEU A 11 -8.28 -10.53 -5.52
CA LEU A 11 -8.71 -9.31 -4.86
C LEU A 11 -9.97 -8.72 -5.49
N LEU A 12 -9.94 -8.59 -6.80
CA LEU A 12 -11.09 -8.17 -7.57
C LEU A 12 -12.33 -9.02 -7.29
N GLN A 13 -12.12 -10.33 -7.22
CA GLN A 13 -13.23 -11.26 -6.89
C GLN A 13 -13.72 -11.08 -5.46
N GLN A 14 -12.81 -10.96 -4.49
CA GLN A 14 -13.24 -10.71 -3.13
C GLN A 14 -14.11 -9.41 -3.04
N LEU A 15 -13.64 -8.35 -3.68
CA LEU A 15 -14.32 -7.06 -3.64
C LEU A 15 -15.63 -7.06 -4.34
N THR A 16 -15.68 -7.64 -5.52
CA THR A 16 -16.95 -7.78 -6.22
C THR A 16 -18.00 -8.50 -5.37
N SER A 17 -17.59 -9.61 -4.78
CA SER A 17 -18.45 -10.39 -3.89
C SER A 17 -19.00 -9.58 -2.67
N VAL A 18 -18.13 -8.91 -1.90
CA VAL A 18 -18.61 -7.94 -0.89
C VAL A 18 -19.56 -6.87 -1.47
N ASN A 19 -19.19 -6.25 -2.59
CA ASN A 19 -20.02 -5.17 -3.14
C ASN A 19 -21.39 -5.67 -3.61
N ALA A 20 -21.44 -6.90 -4.12
CA ALA A 20 -22.70 -7.54 -4.58
C ALA A 20 -23.72 -7.81 -3.49
N SER A 21 -23.21 -8.09 -2.29
CA SER A 21 -24.07 -8.34 -1.13
C SER A 21 -24.74 -7.07 -0.52
N LYS A 22 -24.50 -5.89 -1.13
CA LYS A 22 -25.07 -4.58 -0.74
C LYS A 22 -24.89 -4.39 0.78
N PRO A 23 -23.64 -4.30 1.21
CA PRO A 23 -23.29 -4.41 2.61
C PRO A 23 -23.77 -3.25 3.48
N SER A 24 -23.97 -2.05 2.90
CA SER A 24 -24.56 -0.94 3.65
C SER A 24 -26.09 -0.93 3.69
N GLU A 25 -26.74 -1.80 2.93
CA GLU A 25 -28.21 -1.81 2.80
C GLU A 25 -28.92 -2.91 3.63
N ARG A 26 -28.28 -3.45 4.66
CA ARG A 26 -28.90 -4.48 5.51
C ARG A 26 -29.83 -3.83 6.56
N GLY A 27 -30.76 -4.60 7.11
CA GLY A 27 -31.71 -4.09 8.12
C GLY A 27 -31.04 -3.58 9.40
N LEU A 28 -30.05 -4.31 9.89
CA LEU A 28 -29.11 -3.81 10.87
C LEU A 28 -27.71 -4.13 10.36
N VAL A 29 -26.86 -3.11 10.28
CA VAL A 29 -25.46 -3.23 9.90
C VAL A 29 -24.62 -3.48 11.17
N ARG A 30 -23.83 -4.53 11.19
CA ARG A 30 -22.96 -4.79 12.35
C ARG A 30 -21.49 -4.93 11.89
N GLN A 31 -20.89 -3.78 11.64
CA GLN A 31 -19.53 -3.66 11.08
C GLN A 31 -18.50 -4.24 12.07
N GLU A 32 -18.66 -3.84 13.32
CA GLU A 32 -17.90 -4.38 14.44
C GLU A 32 -17.81 -5.90 14.45
N GLU A 33 -18.88 -6.61 14.09
CA GLU A 33 -18.80 -8.09 13.93
C GLU A 33 -17.77 -8.56 12.91
N ALA A 34 -17.51 -7.77 11.87
CA ALA A 34 -16.50 -8.14 10.87
C ALA A 34 -15.02 -7.85 11.26
N GLU A 35 -14.81 -7.05 12.33
CA GLU A 35 -13.47 -6.66 12.74
C GLU A 35 -12.62 -7.85 13.10
N ASP A 36 -11.49 -8.01 12.41
CA ASP A 36 -10.59 -9.13 12.64
C ASP A 36 -9.11 -8.77 12.87
N PRO A 37 -8.69 -8.73 14.15
CA PRO A 37 -7.30 -8.34 14.45
C PRO A 37 -6.24 -9.39 14.05
N ALA A 38 -6.65 -10.63 13.74
CA ALA A 38 -5.73 -11.64 13.16
C ALA A 38 -5.08 -11.10 11.89
N CYS A 39 -5.92 -10.50 11.03
CA CYS A 39 -5.57 -10.13 9.65
C CYS A 39 -4.82 -8.81 9.43
N ILE A 40 -4.41 -8.12 10.50
CA ILE A 40 -3.74 -6.81 10.33
C ILE A 40 -2.47 -7.02 9.49
N PRO A 41 -2.24 -6.16 8.47
CA PRO A 41 -1.20 -6.51 7.50
C PRO A 41 0.18 -6.41 8.10
N ILE A 42 1.14 -6.96 7.38
CA ILE A 42 2.54 -6.93 7.77
C ILE A 42 3.16 -5.64 7.24
N PHE A 43 2.81 -5.30 5.99
CA PHE A 43 3.43 -4.14 5.34
C PHE A 43 2.42 -3.15 4.87
N TRP A 44 2.73 -1.89 5.10
CA TRP A 44 2.05 -0.85 4.36
C TRP A 44 2.96 0.30 4.18
N VAL A 45 2.56 1.19 3.26
CA VAL A 45 3.31 2.37 2.89
C VAL A 45 2.92 3.50 3.83
N SER A 46 3.89 3.98 4.60
CA SER A 46 3.65 4.93 5.67
C SER A 46 3.96 6.38 5.24
N LYS A 47 4.91 6.54 4.32
CA LYS A 47 5.19 7.77 3.63
C LYS A 47 5.42 7.54 2.10
N TRP A 48 5.22 8.58 1.30
CA TRP A 48 5.59 8.53 -0.12
C TRP A 48 5.82 9.93 -0.68
N VAL A 49 6.73 9.99 -1.65
CA VAL A 49 7.02 11.21 -2.38
C VAL A 49 7.09 10.92 -3.88
N ASP A 50 6.20 11.54 -4.62
CA ASP A 50 6.26 11.48 -6.07
C ASP A 50 7.17 12.55 -6.64
N TYR A 51 8.30 12.12 -7.20
CA TYR A 51 9.15 13.01 -7.97
C TYR A 51 9.28 12.47 -9.38
N SER A 52 8.16 12.05 -9.98
CA SER A 52 8.21 11.40 -11.29
C SER A 52 8.49 12.37 -12.43
N ASP A 53 8.38 13.68 -12.17
CA ASP A 53 8.89 14.69 -13.07
C ASP A 53 10.38 14.51 -13.40
N LYS A 54 11.16 14.00 -12.45
CA LYS A 54 12.60 13.75 -12.67
C LYS A 54 13.01 12.30 -12.48
N TYR A 55 12.65 11.67 -11.36
CA TYR A 55 13.30 10.39 -10.95
C TYR A 55 12.37 9.20 -10.72
N GLY A 56 11.33 9.45 -9.94
CA GLY A 56 10.34 8.44 -9.62
C GLY A 56 9.61 8.69 -8.32
N LEU A 57 9.15 7.59 -7.73
CA LEU A 57 8.26 7.58 -6.60
C LEU A 57 9.06 7.00 -5.44
N GLY A 58 9.31 7.81 -4.44
CA GLY A 58 9.97 7.32 -3.26
C GLY A 58 8.93 6.96 -2.22
N TYR A 59 9.21 5.92 -1.45
CA TYR A 59 8.32 5.60 -0.34
C TYR A 59 8.96 4.95 0.83
N GLN A 60 8.23 4.94 1.93
CA GLN A 60 8.65 4.19 3.08
C GLN A 60 7.58 3.22 3.51
N LEU A 61 7.99 2.03 3.89
CA LEU A 61 7.12 1.04 4.45
C LEU A 61 7.13 1.11 5.96
N CYS A 62 6.05 0.61 6.57
CA CYS A 62 5.85 0.71 8.01
C CYS A 62 6.96 0.15 8.92
N ASP A 63 7.77 -0.79 8.44
CA ASP A 63 9.04 -1.21 9.16
C ASP A 63 10.29 -0.29 9.01
N ASN A 64 10.10 0.91 8.45
CA ASN A 64 11.16 1.84 8.03
C ASN A 64 12.07 1.40 6.90
N SER A 65 11.75 0.35 6.17
CA SER A 65 12.46 0.12 4.93
C SER A 65 12.04 1.30 4.00
N VAL A 66 12.92 1.70 3.10
CA VAL A 66 12.62 2.70 2.07
C VAL A 66 12.80 2.13 0.67
N GLY A 67 12.07 2.66 -0.28
CA GLY A 67 12.11 2.10 -1.66
C GLY A 67 11.98 3.19 -2.68
N VAL A 68 12.54 2.98 -3.87
CA VAL A 68 12.18 3.87 -4.99
C VAL A 68 11.76 3.05 -6.16
N LEU A 69 10.66 3.44 -6.81
CA LEU A 69 10.36 2.98 -8.18
C LEU A 69 10.78 4.09 -9.12
N PHE A 70 11.81 3.80 -9.92
CA PHE A 70 12.33 4.75 -10.91
C PHE A 70 11.46 4.81 -12.16
N ASN A 71 11.47 5.97 -12.78
CA ASN A 71 10.75 6.22 -14.03
C ASN A 71 11.02 5.20 -15.16
N ASP A 72 12.23 4.61 -15.15
CA ASP A 72 12.58 3.48 -16.01
C ASP A 72 12.04 2.14 -15.53
N SER A 73 11.05 2.12 -14.64
CA SER A 73 10.39 0.89 -14.11
C SER A 73 11.26 -0.11 -13.34
N THR A 74 12.38 0.35 -12.79
CA THR A 74 13.22 -0.48 -11.95
C THR A 74 13.11 0.00 -10.50
N ARG A 75 13.43 -0.89 -9.57
CA ARG A 75 13.25 -0.53 -8.19
C ARG A 75 14.48 -0.80 -7.40
N LEU A 76 14.72 0.06 -6.41
CA LEU A 76 15.76 -0.16 -5.46
C LEU A 76 15.18 -0.05 -4.06
N ILE A 77 15.44 -1.05 -3.24
CA ILE A 77 14.94 -1.11 -1.89
C ILE A 77 16.06 -1.18 -0.84
N LEU A 78 16.04 -0.26 0.10
CA LEU A 78 16.92 -0.34 1.28
C LEU A 78 16.17 -0.92 2.46
N TYR A 79 16.68 -2.00 3.01
CA TYR A 79 16.09 -2.66 4.18
C TYR A 79 16.25 -1.82 5.43
N ASN A 80 15.45 -2.14 6.43
CA ASN A 80 15.52 -1.41 7.68
C ASN A 80 16.86 -1.47 8.36
N ASP A 81 17.71 -2.47 8.05
CA ASP A 81 19.11 -2.50 8.51
C ASP A 81 20.05 -1.42 7.93
N GLY A 82 19.59 -0.65 6.95
CA GLY A 82 20.36 0.48 6.40
C GLY A 82 21.48 0.14 5.43
N ASP A 83 21.62 -1.14 5.08
CA ASP A 83 22.76 -1.63 4.31
C ASP A 83 22.36 -2.56 3.17
N SER A 84 21.41 -3.47 3.42
CA SER A 84 20.99 -4.44 2.42
C SER A 84 20.12 -3.74 1.41
N LEU A 85 20.42 -4.00 0.13
CA LEU A 85 19.62 -3.54 -0.96
C LEU A 85 19.14 -4.69 -1.82
N GLN A 86 18.11 -4.38 -2.59
CA GLN A 86 17.60 -5.26 -3.58
C GLN A 86 17.31 -4.36 -4.76
N TYR A 87 17.82 -4.76 -5.91
CA TYR A 87 17.56 -4.08 -7.13
C TYR A 87 16.62 -4.99 -7.93
N ILE A 88 15.51 -4.45 -8.37
CA ILE A 88 14.60 -5.24 -9.17
C ILE A 88 14.50 -4.57 -10.49
N GLU A 89 14.73 -5.36 -11.53
CA GLU A 89 14.80 -4.84 -12.90
C GLU A 89 13.35 -4.71 -13.42
N ARG A 90 13.16 -4.09 -14.60
CA ARG A 90 11.82 -3.87 -15.21
C ARG A 90 11.02 -5.14 -15.32
N ASP A 91 11.67 -6.23 -15.71
CA ASP A 91 10.99 -7.51 -15.87
C ASP A 91 10.85 -8.33 -14.59
N GLY A 92 11.22 -7.76 -13.44
CA GLY A 92 11.05 -8.41 -12.15
C GLY A 92 12.25 -9.14 -11.58
N THR A 93 13.32 -9.29 -12.36
CA THR A 93 14.54 -9.98 -11.88
C THR A 93 15.21 -9.30 -10.67
N GLU A 94 15.51 -10.07 -9.64
CA GLU A 94 16.00 -9.54 -8.36
C GLU A 94 17.47 -9.79 -8.15
N SER A 95 18.18 -8.75 -7.74
CA SER A 95 19.57 -8.89 -7.27
C SER A 95 19.69 -8.38 -5.84
N TYR A 96 20.44 -9.11 -5.01
CA TYR A 96 20.70 -8.72 -3.61
C TYR A 96 22.10 -8.14 -3.54
N LEU A 97 22.25 -6.99 -2.87
CA LEU A 97 23.50 -6.22 -2.77
C LEU A 97 23.59 -5.58 -1.37
N THR A 98 24.62 -4.75 -1.17
CA THR A 98 24.69 -3.89 0.00
C THR A 98 25.25 -2.53 -0.35
N VAL A 99 25.11 -1.57 0.56
CA VAL A 99 25.62 -0.23 0.37
C VAL A 99 27.15 -0.22 0.51
N SER A 100 27.62 -0.90 1.54
CA SER A 100 29.06 -1.04 1.80
C SER A 100 29.85 -1.62 0.58
N SER A 101 29.20 -2.45 -0.24
CA SER A 101 29.82 -2.99 -1.44
C SER A 101 28.80 -3.13 -2.60
N HIS A 102 28.59 -2.03 -3.31
CA HIS A 102 27.68 -2.02 -4.48
C HIS A 102 28.47 -1.82 -5.77
N PRO A 103 27.96 -2.36 -6.91
CA PRO A 103 28.41 -1.91 -8.22
C PRO A 103 28.35 -0.42 -8.35
N ASN A 104 29.28 0.11 -9.14
CA ASN A 104 29.28 1.51 -9.47
C ASN A 104 28.14 1.81 -10.43
N SER A 105 27.70 0.80 -11.19
CA SER A 105 26.54 0.99 -12.07
C SER A 105 25.27 1.43 -11.33
N LEU A 106 25.20 1.18 -10.01
CA LEU A 106 24.02 1.53 -9.20
C LEU A 106 24.19 2.74 -8.32
N MET A 107 25.35 3.40 -8.41
CA MET A 107 25.66 4.49 -7.51
C MET A 107 24.73 5.66 -7.76
N LYS A 108 24.34 5.89 -8.99
CA LYS A 108 23.37 6.97 -9.20
C LYS A 108 22.11 6.66 -8.43
N LYS A 109 21.58 5.47 -8.62
CA LYS A 109 20.29 5.14 -8.06
C LYS A 109 20.33 5.11 -6.54
N ILE A 110 21.47 4.71 -5.99
CA ILE A 110 21.66 4.68 -4.54
C ILE A 110 21.78 6.09 -4.00
N THR A 111 22.36 6.97 -4.76
CA THR A 111 22.41 8.38 -4.37
C THR A 111 21.02 8.98 -4.26
N LEU A 112 20.21 8.69 -5.28
CA LEU A 112 18.84 9.18 -5.34
C LEU A 112 18.06 8.63 -4.18
N LEU A 113 18.25 7.34 -3.92
CA LEU A 113 17.63 6.66 -2.81
C LEU A 113 17.91 7.35 -1.49
N ASN A 114 19.19 7.64 -1.23
CA ASN A 114 19.54 8.51 -0.08
C ASN A 114 18.91 9.88 -0.02
N TYR A 115 18.69 10.54 -1.17
CA TYR A 115 17.97 11.82 -1.19
C TYR A 115 16.48 11.66 -0.77
N PHE A 116 15.80 10.65 -1.31
CA PHE A 116 14.42 10.33 -0.87
C PHE A 116 14.40 9.98 0.64
N ARG A 117 15.38 9.19 1.06
CA ARG A 117 15.42 8.69 2.44
C ARG A 117 15.52 9.87 3.35
N ASN A 118 16.45 10.76 3.11
CA ASN A 118 16.64 11.91 3.97
C ASN A 118 15.43 12.85 3.96
N TYR A 119 14.79 13.01 2.82
CA TYR A 119 13.62 13.87 2.79
C TYR A 119 12.52 13.27 3.67
N MET A 120 12.25 11.98 3.45
CA MET A 120 11.17 11.32 4.16
C MET A 120 11.41 11.30 5.65
N SER A 121 12.65 11.12 6.04
CA SER A 121 13.04 11.18 7.44
C SER A 121 12.93 12.61 8.03
N GLU A 122 13.46 13.61 7.35
CA GLU A 122 13.34 14.98 7.82
C GLU A 122 11.88 15.42 7.91
N HIS A 123 11.06 15.08 6.91
CA HIS A 123 9.88 15.90 6.60
C HIS A 123 8.50 15.31 6.55
N LEU A 124 8.31 14.01 6.80
CA LEU A 124 6.98 13.46 6.58
C LEU A 124 6.51 12.67 7.77
N LEU A 125 5.18 12.69 8.00
CA LEU A 125 4.53 11.91 9.04
C LEU A 125 4.32 10.43 8.63
N LYS A 126 4.60 9.53 9.57
CA LYS A 126 4.50 8.11 9.36
C LYS A 126 3.04 7.68 9.54
N ALA A 127 2.35 7.38 8.44
CA ALA A 127 1.01 6.77 8.50
C ALA A 127 0.96 5.38 9.19
N GLY A 128 -0.09 5.18 9.99
CA GLY A 128 -0.23 4.04 10.90
C GLY A 128 0.86 3.89 11.95
N ALA A 129 1.47 5.01 12.38
CA ALA A 129 2.63 4.92 13.30
C ALA A 129 2.33 4.36 14.70
N ASN A 130 1.08 4.46 15.13
CA ASN A 130 0.71 3.90 16.45
C ASN A 130 0.42 2.39 16.44
N ILE A 131 0.39 1.77 15.25
CA ILE A 131 -0.06 0.39 15.06
C ILE A 131 1.12 -0.59 15.03
N THR A 132 0.95 -1.72 15.71
CA THR A 132 1.92 -2.79 15.65
C THR A 132 1.48 -3.70 14.50
N PRO A 133 2.34 -3.88 13.47
CA PRO A 133 1.96 -4.80 12.40
C PRO A 133 1.99 -6.20 12.93
N ARG A 134 1.39 -7.13 12.19
CA ARG A 134 1.36 -8.52 12.64
C ARG A 134 2.76 -9.16 12.39
N GLU A 135 2.96 -10.35 12.98
CA GLU A 135 4.28 -11.02 13.10
C GLU A 135 5.12 -10.99 11.82
N LEU A 142 10.63 -8.77 2.08
CA LEU A 142 10.14 -7.38 1.93
C LEU A 142 9.58 -7.23 0.53
N PRO A 143 8.38 -6.70 0.38
CA PRO A 143 7.90 -6.49 -0.98
C PRO A 143 8.43 -5.18 -1.54
N TYR A 144 8.26 -4.99 -2.83
CA TYR A 144 8.58 -3.77 -3.52
C TYR A 144 7.30 -3.22 -4.14
N LEU A 145 7.40 -1.97 -4.60
CA LEU A 145 6.28 -1.29 -5.23
C LEU A 145 6.18 -1.78 -6.67
N ARG A 146 5.18 -2.59 -6.96
CA ARG A 146 5.04 -3.07 -8.33
C ARG A 146 4.65 -1.88 -9.20
N THR A 147 3.62 -1.16 -8.78
CA THR A 147 3.18 0.00 -9.55
C THR A 147 2.29 0.93 -8.73
N TRP A 148 2.05 2.13 -9.29
CA TRP A 148 1.19 3.12 -8.70
C TRP A 148 0.57 4.01 -9.77
N PHE A 149 -0.59 4.57 -9.46
CA PHE A 149 -1.04 5.72 -10.19
C PHE A 149 -1.85 6.62 -9.23
N ARG A 150 -2.05 7.87 -9.60
CA ARG A 150 -2.89 8.78 -8.85
C ARG A 150 -4.10 9.06 -9.72
N THR A 151 -5.29 9.10 -9.15
CA THR A 151 -6.46 9.72 -9.76
C THR A 151 -6.62 11.16 -9.21
N ARG A 152 -7.72 11.81 -9.57
CA ARG A 152 -8.10 13.08 -8.92
C ARG A 152 -8.31 12.88 -7.38
N SER A 153 -8.76 11.68 -6.99
CA SER A 153 -9.19 11.43 -5.61
C SER A 153 -8.16 10.76 -4.69
N ALA A 154 -7.25 10.01 -5.28
CA ALA A 154 -6.41 9.14 -4.52
C ALA A 154 -5.13 8.76 -5.23
N ILE A 155 -4.24 8.17 -4.44
CA ILE A 155 -3.07 7.48 -4.94
C ILE A 155 -3.25 6.00 -4.65
N ILE A 156 -3.02 5.19 -5.67
CA ILE A 156 -3.10 3.76 -5.58
C ILE A 156 -1.73 3.18 -5.70
N LEU A 157 -1.43 2.21 -4.86
CA LEU A 157 -0.11 1.67 -4.75
C LEU A 157 -0.25 0.19 -4.72
N HIS A 158 0.50 -0.52 -5.53
CA HIS A 158 0.34 -1.97 -5.62
C HIS A 158 1.68 -2.58 -5.29
N LEU A 159 1.70 -3.36 -4.22
CA LEU A 159 2.91 -3.96 -3.72
C LEU A 159 3.08 -5.37 -4.28
N SER A 160 4.34 -5.81 -4.26
CA SER A 160 4.77 -7.04 -4.95
C SER A 160 4.22 -8.30 -4.27
N ASN A 161 3.91 -8.22 -2.98
CA ASN A 161 3.18 -9.26 -2.24
C ASN A 161 1.63 -9.29 -2.44
N GLY A 162 1.07 -8.50 -3.38
CA GLY A 162 -0.39 -8.50 -3.63
C GLY A 162 -1.23 -7.43 -2.93
N THR A 163 -0.65 -6.76 -1.98
CA THR A 163 -1.33 -5.72 -1.24
C THR A 163 -1.61 -4.55 -2.16
N VAL A 164 -2.79 -3.99 -2.04
CA VAL A 164 -3.08 -2.71 -2.64
C VAL A 164 -3.42 -1.68 -1.58
N GLN A 165 -2.78 -0.54 -1.62
CA GLN A 165 -3.12 0.49 -0.73
C GLN A 165 -3.72 1.65 -1.49
N ILE A 166 -4.72 2.26 -0.91
CA ILE A 166 -5.30 3.45 -1.44
C ILE A 166 -5.37 4.53 -0.40
N ASN A 167 -4.89 5.71 -0.73
CA ASN A 167 -4.90 6.86 0.13
C ASN A 167 -5.70 7.97 -0.53
N PHE A 168 -6.85 8.30 0.05
CA PHE A 168 -7.72 9.34 -0.42
C PHE A 168 -7.26 10.72 0.08
N PHE A 169 -7.03 11.67 -0.85
CA PHE A 169 -6.37 12.96 -0.55
C PHE A 169 -7.19 13.96 0.28
N GLN A 170 -8.50 14.00 0.10
CA GLN A 170 -9.32 15.07 0.69
C GLN A 170 -9.47 14.83 2.18
N ASP A 171 -10.03 13.69 2.52
CA ASP A 171 -10.27 13.37 3.92
C ASP A 171 -9.16 12.60 4.63
N HIS A 172 -8.10 12.21 3.91
CA HIS A 172 -6.97 11.46 4.49
C HIS A 172 -7.26 10.01 4.95
N THR A 173 -8.35 9.42 4.50
CA THR A 173 -8.60 8.04 4.76
C THR A 173 -7.70 7.18 3.89
N LYS A 174 -7.41 5.98 4.39
CA LYS A 174 -6.60 5.02 3.69
C LYS A 174 -7.25 3.66 3.77
N LEU A 175 -7.12 2.89 2.70
CA LEU A 175 -7.50 1.50 2.67
C LEU A 175 -6.30 0.68 2.37
N ILE A 176 -6.20 -0.48 2.99
CA ILE A 176 -5.13 -1.42 2.67
C ILE A 176 -5.78 -2.76 2.44
N LEU A 177 -5.65 -3.27 1.23
CA LEU A 177 -6.32 -4.46 0.81
C LEU A 177 -5.34 -5.58 0.69
N CYS A 178 -5.58 -6.67 1.38
CA CYS A 178 -4.71 -7.84 1.25
C CYS A 178 -5.46 -9.09 0.75
N PRO A 179 -5.21 -9.52 -0.50
CA PRO A 179 -5.93 -10.68 -1.00
C PRO A 179 -5.59 -12.04 -0.31
N LEU A 180 -4.42 -12.14 0.32
CA LEU A 180 -3.97 -13.36 1.03
C LEU A 180 -4.83 -13.62 2.23
N MET A 181 -4.95 -12.63 3.11
CA MET A 181 -5.86 -12.69 4.27
C MET A 181 -7.32 -12.49 3.86
N ALA A 182 -7.52 -11.98 2.65
CA ALA A 182 -8.82 -11.47 2.17
C ALA A 182 -9.32 -10.46 3.20
N ALA A 183 -8.52 -9.46 3.46
CA ALA A 183 -8.82 -8.51 4.52
C ALA A 183 -8.64 -7.08 4.08
N VAL A 184 -9.32 -6.17 4.76
CA VAL A 184 -9.17 -4.76 4.52
C VAL A 184 -8.94 -4.00 5.80
N THR A 185 -7.90 -3.17 5.78
CA THR A 185 -7.71 -2.19 6.82
C THR A 185 -8.14 -0.82 6.33
N TYR A 186 -8.99 -0.16 7.12
CA TYR A 186 -9.45 1.18 6.91
C TYR A 186 -8.81 2.05 8.00
N ILE A 187 -8.22 3.16 7.59
CA ILE A 187 -7.74 4.17 8.50
C ILE A 187 -8.69 5.34 8.23
N ASN A 188 -9.56 5.62 9.20
CA ASN A 188 -10.59 6.65 9.10
C ASN A 188 -10.07 8.05 9.39
N GLU A 189 -10.97 9.02 9.33
CA GLU A 189 -10.71 10.46 9.59
C GLU A 189 -10.04 10.76 10.94
N LYS A 190 -10.50 10.11 12.02
CA LYS A 190 -9.89 10.33 13.34
C LYS A 190 -8.58 9.56 13.54
N ARG A 191 -8.01 9.00 12.47
CA ARG A 191 -6.76 8.20 12.50
C ARG A 191 -6.90 6.87 13.30
N ASP A 192 -8.11 6.33 13.37
CA ASP A 192 -8.29 5.00 13.95
C ASP A 192 -8.08 3.96 12.83
N PHE A 193 -7.39 2.87 13.18
CA PHE A 193 -7.06 1.79 12.27
C PHE A 193 -7.85 0.54 12.60
N GLN A 194 -8.89 0.23 11.82
CA GLN A 194 -9.65 -0.99 12.01
C GLN A 194 -9.48 -1.95 10.81
N THR A 195 -9.30 -3.24 11.10
CA THR A 195 -9.05 -4.27 10.10
C THR A 195 -10.22 -5.23 10.07
N TYR A 196 -10.70 -5.59 8.85
CA TYR A 196 -11.90 -6.41 8.68
C TYR A 196 -11.65 -7.55 7.75
N ARG A 197 -12.30 -8.67 8.01
CA ARG A 197 -12.25 -9.78 7.10
C ARG A 197 -13.34 -9.60 6.04
N LEU A 198 -12.98 -9.71 4.76
CA LEU A 198 -13.94 -9.39 3.67
C LEU A 198 -15.15 -10.29 3.68
N SER A 199 -14.95 -11.54 4.04
CA SER A 199 -16.04 -12.52 4.07
C SER A 199 -17.04 -12.17 5.18
N LEU A 200 -16.58 -11.59 6.28
CA LEU A 200 -17.49 -11.13 7.34
C LEU A 200 -18.23 -9.81 7.09
N LEU A 201 -17.70 -8.91 6.26
CA LEU A 201 -18.44 -7.73 5.86
C LEU A 201 -19.53 -8.19 4.95
N GLU A 202 -19.21 -9.20 4.17
CA GLU A 202 -20.20 -9.84 3.34
C GLU A 202 -21.34 -10.37 4.21
N GLU A 203 -21.00 -11.00 5.35
CA GLU A 203 -22.04 -11.48 6.28
C GLU A 203 -22.74 -10.38 7.08
N TYR A 204 -22.01 -9.48 7.75
CA TYR A 204 -22.62 -8.54 8.70
C TYR A 204 -22.80 -7.09 8.23
N GLY A 205 -22.45 -6.78 6.99
CA GLY A 205 -22.55 -5.41 6.48
C GLY A 205 -21.50 -4.40 6.96
N CYS A 206 -21.62 -3.18 6.48
CA CYS A 206 -20.75 -2.08 6.89
C CYS A 206 -21.41 -0.78 6.58
N CYS A 207 -20.80 0.31 7.03
CA CYS A 207 -21.39 1.65 6.88
C CYS A 207 -21.21 2.11 5.45
N LYS A 208 -21.95 3.13 5.08
CA LYS A 208 -21.89 3.64 3.72
C LYS A 208 -20.53 4.22 3.34
N GLU A 209 -19.79 4.69 4.33
CA GLU A 209 -18.51 5.33 4.11
C GLU A 209 -17.49 4.27 3.66
N LEU A 210 -17.39 3.20 4.43
CA LEU A 210 -16.60 2.05 4.08
C LEU A 210 -17.13 1.36 2.85
N ALA A 211 -18.44 1.26 2.72
CA ALA A 211 -18.99 0.59 1.52
C ALA A 211 -18.63 1.37 0.28
N SER A 212 -18.72 2.71 0.34
CA SER A 212 -18.33 3.61 -0.78
C SER A 212 -16.84 3.49 -1.15
N ARG A 213 -16.00 3.43 -0.15
CA ARG A 213 -14.60 3.23 -0.36
C ARG A 213 -14.29 1.88 -0.99
N LEU A 214 -14.98 0.82 -0.58
CA LEU A 214 -14.80 -0.47 -1.21
C LEU A 214 -15.29 -0.52 -2.62
N ARG A 215 -16.33 0.22 -2.97
CA ARG A 215 -16.78 0.24 -4.38
C ARG A 215 -15.72 0.93 -5.21
N TYR A 216 -15.16 2.02 -4.71
CA TYR A 216 -14.03 2.69 -5.38
C TYR A 216 -12.83 1.77 -5.56
N ALA A 217 -12.48 1.00 -4.50
CA ALA A 217 -11.37 0.03 -4.55
C ALA A 217 -11.58 -0.99 -5.64
N ARG A 218 -12.78 -1.52 -5.71
CA ARG A 218 -13.07 -2.45 -6.74
C ARG A 218 -12.68 -1.84 -8.08
N THR A 219 -13.06 -0.58 -8.31
CA THR A 219 -12.76 0.11 -9.55
C THR A 219 -11.26 0.29 -9.79
N MET A 220 -10.52 0.65 -8.74
CA MET A 220 -9.09 0.87 -8.89
C MET A 220 -8.37 -0.43 -9.15
N VAL A 221 -8.86 -1.53 -8.61
CA VAL A 221 -8.24 -2.83 -8.86
C VAL A 221 -8.47 -3.26 -10.30
N ASP A 222 -9.61 -2.95 -10.89
CA ASP A 222 -9.79 -3.23 -12.35
C ASP A 222 -8.93 -2.29 -13.26
N LYS A 223 -8.59 -1.09 -12.81
CA LYS A 223 -7.56 -0.31 -13.50
C LYS A 223 -6.17 -0.97 -13.44
N LEU A 224 -5.79 -1.51 -12.29
CA LEU A 224 -4.49 -2.16 -12.11
C LEU A 224 -4.38 -3.40 -12.95
N LEU A 225 -5.47 -4.14 -13.06
CA LEU A 225 -5.57 -5.29 -13.94
C LEU A 225 -5.46 -5.02 -15.44
N SER A 226 -5.90 -3.87 -15.92
CA SER A 226 -5.72 -3.50 -17.34
C SER A 226 -4.50 -2.56 -17.55
N SER A 227 -3.34 -3.00 -17.05
CA SER A 227 -2.08 -2.25 -17.20
C SER A 227 -0.88 -3.12 -16.81
O1 707 B 1 4.86 14.03 -3.72
C1 707 B 1 3.65 14.36 -3.65
C2 707 B 1 3.02 15.45 -4.51
C3 707 B 1 3.63 15.43 -5.92
N1 707 B 1 4.99 16.01 -5.90
C4 707 B 1 5.15 17.37 -5.78
O2 707 B 1 4.15 18.11 -5.69
C5 707 B 1 6.43 17.93 -5.87
C6 707 B 1 6.52 19.27 -5.50
C7 707 B 1 7.71 19.99 -5.58
BR 707 B 1 7.48 21.86 -4.97
C8 707 B 1 8.88 19.33 -6.04
O3 707 B 1 10.04 20.07 -6.11
C9 707 B 1 11.32 19.45 -5.94
C10 707 B 1 8.82 17.98 -6.44
C11 707 B 1 7.60 17.30 -6.36
C 56A B 2 2.63 13.47 -0.51
N 56A B 2 3.37 14.53 -2.44
O 56A B 2 1.75 14.34 -0.41
CA 56A B 2 3.90 13.74 -1.31
CB 56A B 2 5.16 14.38 -0.64
CG 56A B 2 4.84 15.87 -0.36
C27 56A B 2 6.09 17.09 -2.23
C28 56A B 2 7.54 17.35 -1.80
C29 56A B 2 8.42 16.46 -2.64
C30 56A B 2 9.66 17.06 -3.28
C31 56A B 2 10.82 16.71 -2.37
C32 56A B 2 12.12 16.41 -3.18
C33 56A B 2 12.45 14.92 -2.94
C34 56A B 2 13.84 14.66 -2.33
C35 56A B 2 14.73 14.52 -3.41
C36 56A B 2 15.57 15.58 -3.79
C37 56A B 2 16.46 15.45 -4.87
C38 56A B 2 16.51 14.26 -5.61
C39 56A B 2 15.68 13.18 -5.23
C40 56A B 2 14.80 13.33 -4.14
ND1 56A B 2 5.26 16.96 -1.06
CD2 56A B 2 4.08 16.28 0.64
CE1 56A B 2 4.72 18.02 -0.46
NE2 56A B 2 3.99 17.60 0.58
N SER B 3 2.84 12.70 0.52
CA SER B 3 1.95 12.27 1.65
C SER B 3 2.00 13.35 2.73
N TPO B 4 1.12 13.20 3.72
CA TPO B 4 0.94 14.14 4.82
CB TPO B 4 -0.10 13.48 5.71
CG2 TPO B 4 -0.45 14.34 6.90
OG1 TPO B 4 -1.29 13.25 4.91
P TPO B 4 -1.86 11.77 4.59
O1P TPO B 4 -3.06 12.00 3.71
O2P TPO B 4 -2.14 11.25 6.02
O3P TPO B 4 -0.69 11.08 3.87
C TPO B 4 2.23 14.37 5.56
O TPO B 4 2.92 13.39 5.91
N NH2 B 5 2.81 15.51 5.53
#